data_1B6A
#
_entry.id   1B6A
#
_cell.length_a   89.558
_cell.length_b   99.060
_cell.length_c   101.508
_cell.angle_alpha   90.00
_cell.angle_beta   90.00
_cell.angle_gamma   90.00
#
_symmetry.space_group_name_H-M   'C 2 2 21'
#
loop_
_entity.id
_entity.type
_entity.pdbx_description
1 polymer 'METHIONINE AMINOPEPTIDASE'
2 non-polymer 'COBALT (II) ION'
3 non-polymer '(1R,2S,3S,4R)-4-hydroxy-2-methoxy-4-methyl-3-[(2R,3R)-2-methyl-3-(3-methylbut-2-en-1-yl)oxiran-2-yl]cyclohexyl (chloroacetyl)carbamate'
4 water water
#
_entity_poly.entity_id   1
_entity_poly.type   'polypeptide(L)'
_entity_poly.pdbx_seq_one_letter_code
;MAGVEEVAASGSHLNGDLDPDDREEGAASTAEEAAKKKRRKKKKSKGPSAAGEQEPDKESGASVDEVARQLERSALEDKE
RDEDDEDGDGDGDGATGKKKKKKKKKRGPKVQTDPPSVPICDLYPNGVFPKGQECEYPPTQDGRTAAWRTTSEEKKALDQ
ASEEIWNDFREAAEAHRQVRKYVMSWIKPGMTMIEICEKLEDCSRKLIKENGLNAGLAFPTGCSLNNCAAHYTPNAGDTT
VLQYDDICKIDFGTHISGRIIDCAFTVTFNPKYDTLLKAVKDATNTGIKCAGIDVRLCDVGEAIQEVMESYEVEIDGKTY
QVKPIRNLNGHSIGQYRIHAGKTVPIVKGGEATRMEEGEVYAIETFGSTGKGVVHDDMECSHYMKNFDVGHVPIRLPRTK
HLLNVINENFGTLAFCRRWLDRLGESKYLMALKNLCDLGIVDPYPPLCDIKGSYTAQFEHTILLRPTCKEVVSRGDDY
;
_entity_poly.pdbx_strand_id   A
#
loop_
_chem_comp.id
_chem_comp.type
_chem_comp.name
_chem_comp.formula
CO non-polymer 'COBALT (II) ION' 'Co 2'
TN4 non-polymer '(1R,2S,3S,4R)-4-hydroxy-2-methoxy-4-methyl-3-[(2R,3R)-2-methyl-3-(3-methylbut-2-en-1-yl)oxiran-2-yl]cyclohexyl (chloroacetyl)carbamate' 'C19 H30 Cl N O6'
#
# COMPACT_ATOMS: atom_id res chain seq x y z
N LYS A 110 8.09 -23.15 13.62
CA LYS A 110 8.33 -24.43 12.90
C LYS A 110 8.68 -24.19 11.44
N VAL A 111 8.07 -24.96 10.54
CA VAL A 111 8.03 -24.61 9.12
C VAL A 111 6.66 -23.98 8.86
N GLN A 112 6.53 -23.14 7.84
CA GLN A 112 5.21 -22.58 7.55
C GLN A 112 4.27 -23.68 7.03
N THR A 113 2.99 -23.57 7.35
CA THR A 113 2.03 -24.60 7.00
C THR A 113 1.45 -24.44 5.60
N ASP A 114 0.69 -25.44 5.17
CA ASP A 114 0.27 -25.60 3.78
C ASP A 114 -0.45 -24.37 3.28
N PRO A 115 -1.53 -24.00 3.94
CA PRO A 115 -2.03 -22.63 3.92
C PRO A 115 -1.53 -21.94 5.20
N PRO A 116 -0.78 -20.86 5.00
CA PRO A 116 -0.05 -20.21 6.08
C PRO A 116 -0.90 -20.00 7.32
N SER A 117 -0.36 -20.37 8.47
CA SER A 117 -1.03 -20.10 9.74
C SER A 117 -0.03 -19.79 10.86
N VAL A 118 1.24 -20.07 10.64
CA VAL A 118 2.28 -19.83 11.64
C VAL A 118 2.76 -18.38 11.55
N PRO A 119 2.62 -17.64 12.63
CA PRO A 119 3.14 -16.28 12.71
C PRO A 119 4.60 -16.19 12.32
N ILE A 120 5.00 -15.11 11.65
CA ILE A 120 6.40 -14.96 11.24
C ILE A 120 7.37 -14.99 12.41
N CYS A 121 6.95 -14.44 13.54
CA CYS A 121 7.81 -14.43 14.74
C CYS A 121 8.05 -15.84 15.26
N ASP A 122 7.19 -16.80 15.01
CA ASP A 122 7.46 -18.18 15.41
C ASP A 122 8.31 -18.94 14.41
N LEU A 123 8.43 -18.44 13.18
CA LEU A 123 9.30 -19.01 12.18
C LEU A 123 10.76 -18.61 12.38
N TYR A 124 10.99 -17.48 13.02
CA TYR A 124 12.30 -16.90 13.29
C TYR A 124 12.41 -16.60 14.77
N PRO A 125 12.60 -17.66 15.56
CA PRO A 125 12.49 -17.61 17.01
C PRO A 125 13.53 -16.76 17.72
N ASN A 126 14.68 -16.55 17.09
CA ASN A 126 15.74 -15.66 17.51
C ASN A 126 15.37 -14.19 17.34
N GLY A 127 14.34 -13.88 16.55
CA GLY A 127 13.82 -12.51 16.48
C GLY A 127 14.61 -11.69 15.47
N VAL A 128 15.34 -12.38 14.61
CA VAL A 128 16.10 -11.77 13.53
C VAL A 128 15.46 -12.19 12.21
N PHE A 129 14.94 -11.20 11.46
CA PHE A 129 14.14 -11.57 10.28
C PHE A 129 14.93 -11.35 9.00
N PRO A 130 14.54 -12.01 7.91
CA PRO A 130 15.28 -11.94 6.66
C PRO A 130 15.40 -10.53 6.09
N LYS A 131 16.58 -10.17 5.59
CA LYS A 131 16.75 -8.93 4.85
C LYS A 131 16.05 -8.98 3.50
N GLY A 132 15.64 -7.78 3.03
CA GLY A 132 15.21 -7.69 1.63
C GLY A 132 16.44 -7.62 0.72
N GLN A 133 16.17 -7.20 -0.51
CA GLN A 133 17.24 -7.01 -1.50
C GLN A 133 18.08 -5.81 -1.12
N GLU A 134 19.38 -6.02 -0.87
CA GLU A 134 20.26 -4.91 -0.52
C GLU A 134 21.01 -4.43 -1.77
N CYS A 135 21.09 -3.13 -1.94
CA CYS A 135 21.59 -2.54 -3.17
C CYS A 135 22.59 -1.45 -2.83
N GLU A 136 23.71 -1.40 -3.57
CA GLU A 136 24.53 -0.19 -3.46
C GLU A 136 23.74 1.01 -3.99
N TYR A 137 23.96 2.16 -3.40
CA TYR A 137 23.37 3.41 -3.85
C TYR A 137 23.95 3.78 -5.22
N PRO A 138 22.95 4.41 -5.97
CA PRO A 138 23.40 4.80 -7.33
C PRO A 138 24.62 5.70 -7.26
N GLU A 153 32.91 2.40 8.74
CA GLU A 153 33.10 2.87 10.13
C GLU A 153 31.86 3.53 10.72
N GLU A 154 31.70 4.82 10.48
CA GLU A 154 30.69 5.62 11.18
C GLU A 154 29.28 5.27 10.70
N LYS A 155 29.14 5.07 9.39
CA LYS A 155 27.80 4.78 8.85
C LYS A 155 27.39 3.35 9.16
N LYS A 156 28.33 2.43 9.20
CA LYS A 156 28.06 1.06 9.62
C LYS A 156 27.59 1.01 11.07
N ALA A 157 28.22 1.81 11.93
CA ALA A 157 27.77 1.95 13.31
C ALA A 157 26.36 2.51 13.37
N LEU A 158 26.12 3.56 12.58
CA LEU A 158 24.83 4.23 12.54
C LEU A 158 23.74 3.30 12.01
N ASP A 159 24.07 2.50 11.00
CA ASP A 159 23.15 1.49 10.49
C ASP A 159 22.80 0.48 11.56
N GLN A 160 23.80 -0.08 12.24
CA GLN A 160 23.62 -1.01 13.34
C GLN A 160 22.84 -0.46 14.52
N ALA A 161 22.93 0.84 14.78
CA ALA A 161 22.19 1.46 15.88
C ALA A 161 20.69 1.38 15.69
N SER A 162 20.23 1.33 14.45
CA SER A 162 18.80 1.23 14.16
C SER A 162 18.38 -0.15 13.74
N GLU A 163 19.19 -1.17 14.07
CA GLU A 163 18.90 -2.54 13.68
C GLU A 163 17.53 -3.03 14.15
N GLU A 164 17.06 -2.63 15.33
CA GLU A 164 15.76 -3.07 15.82
C GLU A 164 14.65 -2.51 14.93
N ILE A 165 14.82 -1.32 14.38
CA ILE A 165 13.83 -0.75 13.46
C ILE A 165 13.80 -1.52 12.15
N TRP A 166 14.99 -1.81 11.59
CA TRP A 166 15.04 -2.49 10.31
C TRP A 166 14.43 -3.88 10.45
N ASN A 167 14.71 -4.54 11.56
CA ASN A 167 14.20 -5.85 11.89
C ASN A 167 12.68 -5.89 11.98
N ASP A 168 12.08 -4.82 12.52
CA ASP A 168 10.62 -4.69 12.54
C ASP A 168 10.03 -4.55 11.13
N PHE A 169 10.66 -3.75 10.29
CA PHE A 169 10.22 -3.72 8.88
C PHE A 169 10.36 -5.07 8.21
N ARG A 170 11.49 -5.78 8.50
CA ARG A 170 11.68 -7.09 7.87
C ARG A 170 10.65 -8.10 8.32
N GLU A 171 10.23 -8.09 9.59
CA GLU A 171 9.18 -8.98 10.06
C GLU A 171 7.86 -8.68 9.32
N ALA A 172 7.54 -7.41 9.18
CA ALA A 172 6.33 -7.03 8.46
C ALA A 172 6.45 -7.41 6.99
N ALA A 173 7.65 -7.28 6.42
CA ALA A 173 7.79 -7.60 5.00
C ALA A 173 7.68 -9.09 4.74
N GLU A 174 8.22 -9.90 5.69
CA GLU A 174 8.08 -11.35 5.48
C GLU A 174 6.64 -11.78 5.61
N ALA A 175 5.86 -11.16 6.49
CA ALA A 175 4.41 -11.42 6.53
C ALA A 175 3.80 -11.04 5.17
N HIS A 176 4.17 -9.89 4.64
CA HIS A 176 3.61 -9.44 3.36
C HIS A 176 3.93 -10.41 2.23
N ARG A 177 5.18 -10.88 2.16
CA ARG A 177 5.55 -11.86 1.14
C ARG A 177 4.73 -13.14 1.27
N GLN A 178 4.58 -13.67 2.47
CA GLN A 178 3.84 -14.92 2.64
C GLN A 178 2.34 -14.75 2.41
N VAL A 179 1.74 -13.65 2.82
CA VAL A 179 0.32 -13.40 2.53
C VAL A 179 0.10 -13.29 1.01
N ARG A 180 0.93 -12.48 0.32
CA ARG A 180 0.64 -12.28 -1.11
C ARG A 180 0.89 -13.56 -1.91
N LYS A 181 1.88 -14.38 -1.55
CA LYS A 181 2.02 -15.66 -2.26
C LYS A 181 0.76 -16.50 -2.12
N TYR A 182 0.22 -16.54 -0.90
CA TYR A 182 -1.03 -17.25 -0.62
C TYR A 182 -2.18 -16.68 -1.44
N VAL A 183 -2.34 -15.35 -1.46
CA VAL A 183 -3.39 -14.71 -2.26
C VAL A 183 -3.28 -15.08 -3.73
N MET A 184 -2.08 -15.08 -4.29
CA MET A 184 -1.93 -15.35 -5.74
C MET A 184 -2.36 -16.79 -6.04
N SER A 185 -2.26 -17.67 -5.06
CA SER A 185 -2.65 -19.07 -5.26
C SER A 185 -4.15 -19.25 -5.40
N TRP A 186 -5.00 -18.38 -4.85
CA TRP A 186 -6.42 -18.64 -4.85
C TRP A 186 -7.27 -17.54 -5.46
N ILE A 187 -6.68 -16.34 -5.69
CA ILE A 187 -7.58 -15.28 -6.19
C ILE A 187 -8.06 -15.61 -7.60
N LYS A 188 -9.36 -15.63 -7.81
CA LYS A 188 -9.95 -16.08 -9.09
C LYS A 188 -11.22 -15.28 -9.36
N PRO A 189 -11.57 -15.12 -10.65
CA PRO A 189 -12.85 -14.51 -11.00
C PRO A 189 -13.96 -15.38 -10.44
N GLY A 190 -15.08 -14.77 -10.09
CA GLY A 190 -16.18 -15.48 -9.45
C GLY A 190 -16.27 -15.18 -7.95
N MET A 191 -15.10 -14.89 -7.33
CA MET A 191 -15.13 -14.51 -5.92
C MET A 191 -15.63 -13.08 -5.75
N THR A 192 -16.35 -12.83 -4.66
CA THR A 192 -16.73 -11.43 -4.42
C THR A 192 -15.49 -10.69 -3.87
N MET A 193 -15.55 -9.37 -4.05
CA MET A 193 -14.46 -8.56 -3.51
C MET A 193 -14.41 -8.66 -1.99
N ILE A 194 -15.57 -8.74 -1.33
CA ILE A 194 -15.56 -8.96 0.11
C ILE A 194 -14.90 -10.29 0.48
N GLU A 195 -15.24 -11.39 -0.20
CA GLU A 195 -14.55 -12.65 0.08
C GLU A 195 -13.04 -12.56 -0.05
N ILE A 196 -12.56 -11.88 -1.09
CA ILE A 196 -11.13 -11.74 -1.35
C ILE A 196 -10.50 -10.97 -0.19
N CYS A 197 -11.09 -9.84 0.18
CA CYS A 197 -10.43 -9.01 1.21
C CYS A 197 -10.45 -9.73 2.56
N GLU A 198 -11.55 -10.41 2.87
CA GLU A 198 -11.62 -11.08 4.18
C GLU A 198 -10.66 -12.25 4.26
N LYS A 199 -10.52 -13.01 3.17
CA LYS A 199 -9.57 -14.12 3.17
C LYS A 199 -8.13 -13.63 3.29
N LEU A 200 -7.77 -12.57 2.56
CA LEU A 200 -6.46 -11.96 2.68
C LEU A 200 -6.23 -11.43 4.09
N GLU A 201 -7.14 -10.65 4.63
CA GLU A 201 -6.93 -10.04 5.94
C GLU A 201 -6.86 -11.08 7.04
N ASP A 202 -7.66 -12.14 6.94
CA ASP A 202 -7.52 -13.22 7.92
C ASP A 202 -6.08 -13.74 7.99
N CYS A 203 -5.49 -13.99 6.82
CA CYS A 203 -4.13 -14.52 6.77
C CYS A 203 -3.16 -13.51 7.34
N SER A 204 -3.31 -12.25 6.93
CA SER A 204 -2.41 -11.22 7.42
C SER A 204 -2.46 -11.08 8.94
N ARG A 205 -3.66 -11.08 9.52
CA ARG A 205 -3.75 -11.02 10.99
C ARG A 205 -3.04 -12.18 11.66
N LYS A 206 -3.19 -13.39 11.12
CA LYS A 206 -2.46 -14.52 11.71
C LYS A 206 -0.97 -14.43 11.58
N LEU A 207 -0.46 -14.08 10.39
CA LEU A 207 0.98 -14.12 10.15
C LEU A 207 1.69 -12.98 10.85
N ILE A 208 1.07 -11.81 10.97
CA ILE A 208 1.65 -10.68 11.67
C ILE A 208 1.50 -10.81 13.19
N LYS A 209 0.71 -11.75 13.64
CA LYS A 209 0.37 -11.96 15.04
C LYS A 209 -0.23 -10.67 15.62
N GLU A 210 -1.38 -10.32 15.06
CA GLU A 210 -2.04 -9.06 15.43
C GLU A 210 -2.08 -8.90 16.94
N ASN A 211 -1.67 -7.72 17.39
CA ASN A 211 -1.65 -7.39 18.82
C ASN A 211 -1.90 -5.90 18.98
N GLY A 212 -3.17 -5.49 18.96
CA GLY A 212 -3.49 -4.08 19.14
C GLY A 212 -2.68 -3.22 18.17
N LEU A 213 -2.03 -2.19 18.71
CA LEU A 213 -1.27 -1.26 17.91
C LEU A 213 0.20 -1.64 17.84
N ASN A 214 0.59 -2.75 18.45
CA ASN A 214 1.96 -3.22 18.41
C ASN A 214 2.31 -4.06 17.21
N ALA A 215 1.31 -4.70 16.60
CA ALA A 215 1.50 -5.48 15.38
C ALA A 215 0.13 -5.56 14.69
N GLY A 216 0.09 -5.38 13.36
CA GLY A 216 -1.26 -5.57 12.80
C GLY A 216 -1.29 -5.16 11.33
N LEU A 217 -2.48 -4.79 10.90
CA LEU A 217 -2.71 -4.40 9.51
C LEU A 217 -2.55 -2.89 9.43
N ALA A 218 -1.71 -2.41 8.52
CA ALA A 218 -1.38 -0.97 8.57
C ALA A 218 -2.49 -0.15 7.93
N PHE A 219 -3.20 -0.75 6.97
CA PHE A 219 -4.26 -0.04 6.25
C PHE A 219 -5.10 -1.08 5.51
N PRO A 220 -6.32 -0.69 5.10
CA PRO A 220 -7.24 -1.63 4.49
C PRO A 220 -6.73 -2.22 3.19
N THR A 221 -7.27 -3.40 2.87
CA THR A 221 -6.85 -4.09 1.64
C THR A 221 -7.50 -3.42 0.44
N GLY A 222 -6.66 -2.77 -0.37
CA GLY A 222 -7.12 -2.24 -1.65
C GLY A 222 -7.27 -3.37 -2.66
N CYS A 223 -8.35 -3.29 -3.43
CA CYS A 223 -8.56 -4.25 -4.52
C CYS A 223 -9.23 -3.53 -5.70
N SER A 224 -8.73 -2.34 -5.98
CA SER A 224 -9.33 -1.46 -6.96
C SER A 224 -9.35 -2.06 -8.37
N LEU A 225 -10.49 -1.90 -9.04
CA LEU A 225 -10.69 -2.59 -10.32
C LEU A 225 -10.71 -1.66 -11.52
N ASN A 226 -10.05 -2.08 -12.61
CA ASN A 226 -10.24 -1.52 -13.96
C ASN A 226 -9.83 -0.07 -14.03
N ASN A 227 -10.72 0.88 -14.22
CA ASN A 227 -10.30 2.29 -14.27
C ASN A 227 -9.99 2.83 -12.89
N CYS A 228 -10.43 2.15 -11.82
CA CYS A 228 -10.13 2.59 -10.46
C CYS A 228 -8.73 2.11 -10.09
N ALA A 229 -7.90 3.08 -9.67
CA ALA A 229 -6.49 2.78 -9.45
C ALA A 229 -6.14 2.52 -8.00
N ALA A 230 -6.84 3.13 -7.05
CA ALA A 230 -6.46 3.10 -5.66
C ALA A 230 -7.65 3.42 -4.75
N HIS A 231 -7.50 2.93 -3.51
CA HIS A 231 -8.41 3.28 -2.41
C HIS A 231 -9.84 2.78 -2.54
N TYR A 232 -10.04 1.68 -3.25
CA TYR A 232 -11.30 0.94 -3.17
C TYR A 232 -11.07 -0.32 -2.33
N THR A 233 -11.88 -0.47 -1.30
CA THR A 233 -12.13 -1.78 -0.68
C THR A 233 -13.64 -1.83 -0.49
N PRO A 234 -14.27 -3.01 -0.59
CA PRO A 234 -15.72 -3.07 -0.42
C PRO A 234 -16.17 -2.67 0.97
N ASN A 235 -17.33 -1.99 0.96
CA ASN A 235 -18.06 -1.79 2.24
C ASN A 235 -19.07 -2.92 2.39
N ALA A 236 -19.67 -2.98 3.58
CA ALA A 236 -20.71 -4.01 3.79
C ALA A 236 -21.77 -3.91 2.71
N GLY A 237 -22.23 -5.10 2.26
CA GLY A 237 -23.25 -5.17 1.25
C GLY A 237 -22.83 -5.04 -0.19
N ASP A 238 -21.56 -4.73 -0.47
CA ASP A 238 -21.08 -4.67 -1.85
C ASP A 238 -21.09 -6.04 -2.49
N THR A 239 -21.85 -6.14 -3.59
CA THR A 239 -21.99 -7.42 -4.28
C THR A 239 -21.04 -7.57 -5.45
N THR A 240 -20.08 -6.65 -5.59
CA THR A 240 -19.14 -6.77 -6.73
C THR A 240 -18.41 -8.09 -6.75
N VAL A 241 -18.40 -8.71 -7.94
CA VAL A 241 -17.71 -9.96 -8.20
C VAL A 241 -16.55 -9.78 -9.18
N LEU A 242 -15.39 -10.33 -8.83
CA LEU A 242 -14.22 -10.24 -9.69
C LEU A 242 -14.44 -10.98 -11.02
N GLN A 243 -14.16 -10.32 -12.14
CA GLN A 243 -14.40 -10.89 -13.46
C GLN A 243 -13.12 -11.28 -14.17
N TYR A 244 -13.25 -12.12 -15.21
CA TYR A 244 -12.12 -12.59 -15.99
C TYR A 244 -11.33 -11.44 -16.62
N ASP A 245 -12.03 -10.44 -17.14
CA ASP A 245 -11.37 -9.31 -17.78
C ASP A 245 -10.97 -8.22 -16.78
N ASP A 246 -11.15 -8.44 -15.49
CA ASP A 246 -10.79 -7.36 -14.56
C ASP A 246 -9.28 -7.24 -14.39
N ILE A 247 -8.88 -5.98 -14.10
CA ILE A 247 -7.48 -5.73 -13.68
C ILE A 247 -7.54 -5.19 -12.27
N CYS A 248 -7.05 -5.95 -11.32
CA CYS A 248 -7.30 -5.68 -9.88
C CYS A 248 -5.99 -5.37 -9.17
N LYS A 249 -5.96 -4.21 -8.51
CA LYS A 249 -4.75 -3.82 -7.80
C LYS A 249 -4.87 -4.20 -6.34
N ILE A 250 -4.04 -5.14 -5.92
CA ILE A 250 -4.03 -5.63 -4.55
C ILE A 250 -2.96 -4.84 -3.80
N ASP A 251 -3.41 -4.00 -2.88
CA ASP A 251 -2.51 -3.11 -2.13
C ASP A 251 -2.84 -3.28 -0.65
N PHE A 252 -1.89 -3.87 0.09
CA PHE A 252 -2.21 -4.08 1.52
C PHE A 252 -0.93 -3.90 2.32
N GLY A 253 -1.14 -3.59 3.61
CA GLY A 253 -0.02 -3.18 4.44
C GLY A 253 -0.05 -3.94 5.77
N THR A 254 1.17 -4.24 6.22
CA THR A 254 1.41 -4.85 7.51
C THR A 254 2.32 -3.92 8.31
N HIS A 255 2.31 -4.06 9.64
CA HIS A 255 3.31 -3.29 10.41
C HIS A 255 3.65 -4.08 11.69
N ILE A 256 4.87 -3.81 12.15
CA ILE A 256 5.30 -4.19 13.50
C ILE A 256 5.74 -2.91 14.19
N SER A 257 5.15 -2.59 15.36
CA SER A 257 5.49 -1.40 16.11
C SER A 257 5.39 -0.14 15.28
N GLY A 258 4.43 -0.08 14.32
CA GLY A 258 4.27 1.10 13.50
C GLY A 258 5.24 1.21 12.32
N ARG A 259 6.13 0.23 12.16
CA ARG A 259 6.99 0.19 10.99
C ARG A 259 6.20 -0.52 9.86
N ILE A 260 5.82 0.28 8.88
CA ILE A 260 4.81 -0.11 7.91
C ILE A 260 5.45 -0.57 6.60
N ILE A 261 4.91 -1.65 6.05
CA ILE A 261 5.21 -2.08 4.68
C ILE A 261 3.99 -1.74 3.82
N ASP A 262 4.20 -0.97 2.79
CA ASP A 262 3.18 -0.70 1.77
C ASP A 262 3.72 -1.36 0.49
N CYS A 263 3.05 -2.42 0.04
CA CYS A 263 3.56 -3.12 -1.15
C CYS A 263 2.35 -3.61 -1.95
N ALA A 264 2.45 -3.56 -3.26
CA ALA A 264 1.24 -3.76 -4.08
C ALA A 264 1.61 -4.37 -5.43
N PHE A 265 0.64 -5.14 -5.94
CA PHE A 265 0.82 -5.75 -7.26
C PHE A 265 -0.55 -5.82 -7.95
N THR A 266 -0.51 -6.08 -9.25
CA THR A 266 -1.73 -6.16 -10.06
C THR A 266 -2.02 -7.59 -10.50
N VAL A 267 -3.27 -7.97 -10.26
CA VAL A 267 -3.81 -9.27 -10.64
C VAL A 267 -4.64 -9.16 -11.91
N THR A 268 -4.33 -10.07 -12.86
CA THR A 268 -5.11 -10.18 -14.07
C THR A 268 -5.24 -11.69 -14.40
N PHE A 269 -6.23 -11.95 -15.26
CA PHE A 269 -6.41 -13.33 -15.74
C PHE A 269 -6.37 -13.43 -17.26
N ASN A 270 -6.62 -12.32 -17.93
CA ASN A 270 -6.54 -12.28 -19.38
C ASN A 270 -5.17 -11.79 -19.77
N PRO A 271 -4.45 -12.47 -20.65
CA PRO A 271 -3.12 -12.10 -21.07
C PRO A 271 -3.04 -10.83 -21.89
N LYS A 272 -4.18 -10.28 -22.33
CA LYS A 272 -4.23 -9.02 -23.05
C LYS A 272 -3.59 -7.89 -22.26
N TYR A 273 -3.57 -7.95 -20.92
CA TYR A 273 -2.98 -6.87 -20.14
C TYR A 273 -1.52 -7.07 -19.84
N ASP A 274 -0.87 -8.10 -20.39
CA ASP A 274 0.48 -8.43 -19.92
C ASP A 274 1.47 -7.30 -20.15
N THR A 275 1.43 -6.64 -21.31
CA THR A 275 2.40 -5.57 -21.55
C THR A 275 2.15 -4.36 -20.67
N LEU A 276 0.86 -4.07 -20.38
CA LEU A 276 0.56 -2.97 -19.46
C LEU A 276 1.15 -3.28 -18.09
N LEU A 277 1.06 -4.52 -17.62
CA LEU A 277 1.63 -4.86 -16.32
C LEU A 277 3.14 -4.79 -16.37
N LYS A 278 3.74 -5.26 -17.47
CA LYS A 278 5.21 -5.19 -17.58
C LYS A 278 5.65 -3.73 -17.57
N ALA A 279 4.93 -2.86 -18.26
CA ALA A 279 5.35 -1.44 -18.27
C ALA A 279 5.45 -0.88 -16.87
N VAL A 280 4.38 -1.15 -16.08
CA VAL A 280 4.28 -0.55 -14.75
C VAL A 280 5.28 -1.20 -13.82
N LYS A 281 5.45 -2.51 -13.90
CA LYS A 281 6.48 -3.19 -13.12
C LYS A 281 7.87 -2.65 -13.43
N ASP A 282 8.19 -2.48 -14.71
CA ASP A 282 9.49 -1.91 -15.10
C ASP A 282 9.63 -0.47 -14.58
N ALA A 283 8.57 0.33 -14.67
CA ALA A 283 8.63 1.71 -14.16
C ALA A 283 8.86 1.74 -12.66
N THR A 284 8.20 0.88 -11.88
CA THR A 284 8.44 0.82 -10.42
C THR A 284 9.86 0.41 -10.13
N ASN A 285 10.37 -0.59 -10.89
CA ASN A 285 11.75 -1.02 -10.63
C ASN A 285 12.74 0.07 -11.02
N THR A 286 12.38 0.84 -12.06
CA THR A 286 13.22 2.00 -12.41
C THR A 286 13.23 3.03 -11.30
N GLY A 287 12.05 3.32 -10.72
CA GLY A 287 12.06 4.28 -9.59
C GLY A 287 12.83 3.74 -8.39
N ILE A 288 12.76 2.44 -8.11
CA ILE A 288 13.53 1.82 -7.03
C ILE A 288 15.04 1.89 -7.31
N LYS A 289 15.44 1.69 -8.57
CA LYS A 289 16.87 1.77 -8.87
C LYS A 289 17.36 3.21 -8.79
N CYS A 290 16.54 4.18 -9.17
CA CYS A 290 16.93 5.59 -9.16
C CYS A 290 17.02 6.14 -7.74
N ALA A 291 16.23 5.62 -6.82
CA ALA A 291 16.13 6.19 -5.48
C ALA A 291 17.47 6.08 -4.75
N GLY A 292 17.70 7.04 -3.85
CA GLY A 292 18.93 6.92 -3.04
C GLY A 292 19.05 8.17 -2.17
N ILE A 293 19.98 8.09 -1.24
CA ILE A 293 20.32 9.27 -0.44
C ILE A 293 20.86 10.39 -1.31
N ASP A 294 20.33 11.58 -1.16
CA ASP A 294 20.69 12.78 -1.89
C ASP A 294 20.17 12.82 -3.34
N VAL A 295 19.31 11.88 -3.70
CA VAL A 295 18.71 11.88 -5.03
C VAL A 295 17.49 12.81 -5.02
N ARG A 296 17.32 13.61 -6.08
CA ARG A 296 16.20 14.54 -6.17
C ARG A 296 14.90 13.77 -6.47
N LEU A 297 13.83 14.07 -5.74
CA LEU A 297 12.57 13.34 -6.02
C LEU A 297 12.08 13.58 -7.42
N CYS A 298 12.27 14.76 -8.01
CA CYS A 298 11.86 15.06 -9.37
C CYS A 298 12.59 14.19 -10.39
N ASP A 299 13.82 13.78 -10.09
CA ASP A 299 14.58 12.96 -11.03
C ASP A 299 14.03 11.54 -11.05
N VAL A 300 13.59 11.10 -9.87
CA VAL A 300 12.96 9.76 -9.80
C VAL A 300 11.71 9.79 -10.67
N GLY A 301 10.90 10.84 -10.55
CA GLY A 301 9.67 10.96 -11.35
C GLY A 301 9.96 10.94 -12.84
N GLU A 302 10.95 11.74 -13.28
CA GLU A 302 11.28 11.80 -14.70
C GLU A 302 11.74 10.43 -15.19
N ALA A 303 12.54 9.72 -14.40
CA ALA A 303 13.02 8.41 -14.81
C ALA A 303 11.87 7.39 -14.96
N ILE A 304 10.98 7.40 -13.97
CA ILE A 304 9.82 6.50 -14.02
C ILE A 304 9.03 6.75 -15.29
N GLN A 305 8.70 8.00 -15.59
CA GLN A 305 7.89 8.34 -16.75
C GLN A 305 8.58 7.96 -18.05
N GLU A 306 9.91 8.14 -18.13
CA GLU A 306 10.60 7.77 -19.38
C GLU A 306 10.45 6.27 -19.69
N VAL A 307 10.60 5.46 -18.65
CA VAL A 307 10.46 4.01 -18.83
C VAL A 307 9.01 3.68 -19.11
N MET A 308 8.06 4.21 -18.31
CA MET A 308 6.67 3.80 -18.51
C MET A 308 6.16 4.15 -19.90
N GLU A 309 6.54 5.31 -20.44
CA GLU A 309 6.04 5.79 -21.72
C GLU A 309 6.78 5.14 -22.88
N SER A 310 7.81 4.35 -22.62
CA SER A 310 8.48 3.60 -23.66
C SER A 310 7.67 2.37 -24.10
N TYR A 311 6.62 2.04 -23.37
CA TYR A 311 5.77 0.91 -23.66
C TYR A 311 4.52 1.28 -24.41
N GLU A 312 4.18 0.45 -25.41
CA GLU A 312 2.94 0.58 -26.12
C GLU A 312 2.22 -0.78 -25.99
N VAL A 313 0.90 -0.68 -25.83
CA VAL A 313 0.10 -1.88 -25.60
C VAL A 313 -1.08 -1.94 -26.57
N GLU A 314 -1.58 -3.13 -26.83
CA GLU A 314 -2.78 -3.26 -27.66
C GLU A 314 -3.79 -4.12 -26.90
N ILE A 315 -4.96 -3.53 -26.65
CA ILE A 315 -5.99 -4.20 -25.86
C ILE A 315 -7.28 -4.09 -26.65
N ASP A 316 -7.84 -5.22 -27.02
CA ASP A 316 -9.10 -5.30 -27.77
C ASP A 316 -9.07 -4.43 -29.02
N GLY A 317 -7.98 -4.56 -29.77
CA GLY A 317 -7.84 -3.93 -31.08
C GLY A 317 -7.55 -2.44 -31.02
N LYS A 318 -7.29 -1.86 -29.85
CA LYS A 318 -6.94 -0.44 -29.77
C LYS A 318 -5.52 -0.36 -29.20
N THR A 319 -4.69 0.51 -29.75
CA THR A 319 -3.34 0.67 -29.21
C THR A 319 -3.26 1.91 -28.34
N TYR A 320 -2.38 1.77 -27.34
CA TYR A 320 -2.16 2.84 -26.37
C TYR A 320 -0.68 3.00 -26.06
N GLN A 321 -0.20 4.23 -25.88
CA GLN A 321 1.09 4.44 -25.20
C GLN A 321 0.80 4.52 -23.70
N VAL A 322 1.41 3.71 -22.87
CA VAL A 322 1.09 3.69 -21.45
C VAL A 322 1.41 5.04 -20.81
N LYS A 323 0.49 5.56 -19.99
CA LYS A 323 0.68 6.88 -19.39
C LYS A 323 0.80 6.73 -17.88
N PRO A 324 1.79 7.31 -17.23
CA PRO A 324 1.75 7.41 -15.78
C PRO A 324 0.53 8.18 -15.32
N ILE A 325 -0.04 7.82 -14.16
CA ILE A 325 -1.13 8.64 -13.64
C ILE A 325 -0.49 9.83 -12.89
N ARG A 326 -0.61 10.98 -13.52
CA ARG A 326 0.22 12.11 -13.11
C ARG A 326 -0.11 12.65 -11.74
N ASN A 327 -1.34 12.47 -11.24
CA ASN A 327 -1.69 12.96 -9.92
C ASN A 327 -1.76 11.86 -8.87
N LEU A 328 -1.04 10.76 -9.10
CA LEU A 328 -0.76 9.78 -8.07
C LEU A 328 0.76 9.72 -7.86
N ASN A 329 1.11 9.38 -6.62
CA ASN A 329 2.49 9.53 -6.18
C ASN A 329 2.85 8.41 -5.21
N GLY A 330 4.13 8.13 -5.09
CA GLY A 330 4.69 7.44 -3.94
C GLY A 330 4.89 8.47 -2.79
N HIS A 331 5.44 7.93 -1.70
CA HIS A 331 5.40 8.75 -0.48
C HIS A 331 6.38 8.21 0.55
N SER A 332 6.96 9.14 1.34
CA SER A 332 7.71 8.64 2.49
C SER A 332 6.75 8.08 3.55
N ILE A 333 7.35 7.26 4.40
CA ILE A 333 6.65 6.54 5.45
C ILE A 333 7.29 6.87 6.80
N GLY A 334 6.46 7.10 7.80
CA GLY A 334 6.96 7.29 9.16
C GLY A 334 6.27 6.37 10.15
N GLN A 335 6.71 6.45 11.43
CA GLN A 335 6.17 5.52 12.42
C GLN A 335 4.68 5.76 12.65
N TYR A 336 3.86 4.74 12.37
CA TYR A 336 2.41 4.89 12.41
C TYR A 336 1.88 5.94 11.44
N ARG A 337 2.66 6.26 10.40
CA ARG A 337 2.32 7.34 9.50
C ARG A 337 2.59 6.90 8.08
N ILE A 338 1.53 6.39 7.45
CA ILE A 338 1.65 5.84 6.09
C ILE A 338 2.13 6.89 5.12
N HIS A 339 1.78 8.16 5.29
CA HIS A 339 2.29 9.21 4.42
C HIS A 339 2.97 10.23 5.33
N ALA A 340 4.30 10.21 5.32
CA ALA A 340 5.04 11.08 6.24
C ALA A 340 5.36 12.42 5.59
N GLY A 341 4.80 12.73 4.43
CA GLY A 341 4.79 14.11 3.96
C GLY A 341 5.65 14.38 2.74
N LYS A 342 6.56 13.50 2.37
CA LYS A 342 7.31 13.70 1.13
C LYS A 342 6.67 12.85 0.02
N THR A 343 6.50 13.45 -1.15
CA THR A 343 5.86 12.69 -2.23
C THR A 343 6.87 12.35 -3.31
N VAL A 344 6.71 11.16 -3.88
CA VAL A 344 7.59 10.70 -4.96
C VAL A 344 6.82 10.76 -6.28
N PRO A 345 7.05 11.72 -7.13
CA PRO A 345 6.31 11.86 -8.37
C PRO A 345 6.59 10.72 -9.33
N ILE A 346 5.63 10.47 -10.22
CA ILE A 346 5.83 9.48 -11.28
C ILE A 346 5.80 10.08 -12.66
N VAL A 347 5.85 11.41 -12.75
CA VAL A 347 6.07 12.12 -14.00
C VAL A 347 7.09 13.25 -13.72
N LYS A 348 7.60 13.79 -14.83
CA LYS A 348 8.54 14.92 -14.69
C LYS A 348 7.82 16.13 -14.15
N GLY A 349 8.66 17.07 -13.65
CA GLY A 349 8.14 18.39 -13.29
C GLY A 349 7.88 18.58 -11.80
N GLY A 350 8.30 17.66 -10.96
CA GLY A 350 8.03 17.70 -9.54
C GLY A 350 9.07 18.51 -8.77
N GLU A 351 9.13 18.34 -7.45
CA GLU A 351 10.05 19.14 -6.64
C GLU A 351 11.45 18.53 -6.61
N ALA A 352 12.49 19.37 -6.59
CA ALA A 352 13.83 18.84 -6.41
C ALA A 352 14.25 18.56 -4.99
N THR A 353 13.34 18.52 -4.02
CA THR A 353 13.60 18.02 -2.69
C THR A 353 14.34 16.69 -2.72
N ARG A 354 15.37 16.51 -1.91
CA ARG A 354 16.17 15.31 -1.90
C ARG A 354 15.70 14.28 -0.89
N MET A 355 15.93 13.01 -1.21
CA MET A 355 15.78 11.90 -0.30
C MET A 355 16.93 11.89 0.72
N GLU A 356 16.63 11.53 1.96
CA GLU A 356 17.59 11.62 3.04
C GLU A 356 17.86 10.28 3.69
N GLU A 357 19.08 10.15 4.25
CA GLU A 357 19.46 8.98 5.02
C GLU A 357 18.48 8.70 6.15
N GLY A 358 18.06 7.44 6.21
CA GLY A 358 17.20 6.97 7.30
C GLY A 358 15.72 7.01 6.91
N GLU A 359 15.39 7.67 5.81
CA GLU A 359 14.00 7.73 5.40
C GLU A 359 13.61 6.40 4.77
N VAL A 360 12.28 6.22 4.79
CA VAL A 360 11.67 5.00 4.22
C VAL A 360 10.62 5.48 3.23
N TYR A 361 10.60 4.84 2.06
CA TYR A 361 9.73 5.30 0.99
C TYR A 361 8.93 4.11 0.42
N ALA A 362 7.66 4.42 0.15
CA ALA A 362 6.87 3.56 -0.77
C ALA A 362 7.06 4.10 -2.18
N ILE A 363 7.75 3.32 -3.00
CA ILE A 363 7.94 3.63 -4.40
C ILE A 363 6.88 2.85 -5.20
N GLU A 364 5.92 3.64 -5.65
CA GLU A 364 4.77 3.03 -6.34
C GLU A 364 4.58 3.74 -7.64
N THR A 365 4.22 3.00 -8.69
CA THR A 365 3.87 3.65 -9.94
C THR A 365 2.56 3.05 -10.44
N PHE A 366 1.83 3.89 -11.16
CA PHE A 366 0.53 3.58 -11.70
C PHE A 366 0.54 3.95 -13.18
N GLY A 367 0.10 3.03 -14.03
CA GLY A 367 0.03 3.29 -15.47
C GLY A 367 -1.43 3.14 -15.92
N SER A 368 -1.79 3.88 -16.96
CA SER A 368 -3.18 3.90 -17.42
C SER A 368 -3.28 3.96 -18.93
N THR A 369 -4.37 3.44 -19.43
CA THR A 369 -4.73 3.63 -20.85
C THR A 369 -5.71 4.78 -21.02
N GLY A 370 -6.10 5.49 -19.97
CA GLY A 370 -7.12 6.54 -20.07
C GLY A 370 -6.44 7.92 -20.17
N LYS A 371 -6.94 8.86 -19.38
CA LYS A 371 -6.41 10.21 -19.38
C LYS A 371 -5.09 10.32 -18.65
N GLY A 372 -4.81 9.36 -17.76
CA GLY A 372 -3.64 9.48 -16.91
C GLY A 372 -3.86 10.42 -15.74
N VAL A 373 -5.10 10.66 -15.36
CA VAL A 373 -5.47 11.49 -14.22
C VAL A 373 -6.60 10.75 -13.49
N VAL A 374 -6.57 10.79 -12.16
CA VAL A 374 -7.67 10.21 -11.40
C VAL A 374 -8.50 11.31 -10.73
N HIS A 375 -9.76 10.96 -10.50
CA HIS A 375 -10.69 11.78 -9.76
C HIS A 375 -11.36 10.94 -8.68
N ASP A 376 -11.93 11.56 -7.64
CA ASP A 376 -12.67 10.82 -6.64
C ASP A 376 -13.95 10.23 -7.20
N ASP A 377 -14.25 8.98 -6.88
CA ASP A 377 -15.42 8.33 -7.49
C ASP A 377 -15.87 7.18 -6.62
N MET A 378 -17.15 6.83 -6.72
CA MET A 378 -17.77 5.77 -5.95
C MET A 378 -17.87 6.10 -4.46
N GLU A 379 -18.44 5.16 -3.72
CA GLU A 379 -18.59 5.34 -2.28
C GLU A 379 -17.23 5.33 -1.60
N CYS A 380 -17.12 6.02 -0.47
CA CYS A 380 -15.86 5.99 0.27
C CYS A 380 -15.84 4.82 1.23
N SER A 381 -14.68 4.17 1.38
CA SER A 381 -14.45 3.07 2.29
C SER A 381 -13.26 3.32 3.22
N HIS A 382 -12.28 4.07 2.79
CA HIS A 382 -11.05 4.30 3.53
C HIS A 382 -11.01 5.64 4.27
N TYR A 383 -10.62 5.60 5.55
CA TYR A 383 -10.59 6.78 6.40
C TYR A 383 -9.33 6.75 7.24
N MET A 384 -8.84 7.88 7.76
CA MET A 384 -7.67 7.84 8.63
C MET A 384 -7.64 9.13 9.45
N LYS A 385 -7.36 9.00 10.73
CA LYS A 385 -7.19 10.19 11.58
C LYS A 385 -6.11 11.08 11.03
N ASN A 386 -6.35 12.39 11.05
CA ASN A 386 -5.32 13.36 10.67
C ASN A 386 -4.22 13.30 11.72
N PHE A 387 -2.99 13.08 11.29
CA PHE A 387 -1.87 12.76 12.16
C PHE A 387 -1.55 13.95 13.07
N ASP A 388 -1.80 15.14 12.57
CA ASP A 388 -1.46 16.37 13.25
C ASP A 388 -2.55 16.86 14.20
N VAL A 389 -3.75 16.28 14.15
CA VAL A 389 -4.82 16.73 15.05
C VAL A 389 -4.60 16.10 16.41
N GLY A 390 -4.69 16.95 17.45
CA GLY A 390 -4.45 16.46 18.81
C GLY A 390 -5.79 16.02 19.40
N HIS A 391 -5.78 15.80 20.71
CA HIS A 391 -7.00 15.54 21.46
C HIS A 391 -8.07 16.60 21.25
N VAL A 392 -9.27 16.14 20.94
CA VAL A 392 -10.46 16.96 20.83
C VAL A 392 -11.55 16.39 21.75
N PRO A 393 -11.96 17.18 22.73
CA PRO A 393 -13.04 16.81 23.62
C PRO A 393 -14.35 16.78 22.87
N ILE A 394 -15.06 15.65 22.95
CA ILE A 394 -16.34 15.56 22.25
C ILE A 394 -17.41 15.10 23.25
N ARG A 395 -18.53 15.79 23.28
CA ARG A 395 -19.64 15.36 24.13
C ARG A 395 -20.73 14.62 23.40
N LEU A 396 -20.93 14.85 22.11
CA LEU A 396 -21.93 14.11 21.34
C LEU A 396 -21.69 12.61 21.49
N PRO A 397 -22.64 11.84 21.99
CA PRO A 397 -22.30 10.50 22.50
C PRO A 397 -21.84 9.52 21.46
N ARG A 398 -22.51 9.42 20.30
CA ARG A 398 -22.10 8.45 19.29
C ARG A 398 -20.81 8.86 18.62
N THR A 399 -20.58 10.16 18.44
CA THR A 399 -19.33 10.67 17.86
C THR A 399 -18.16 10.47 18.82
N LYS A 400 -18.37 10.75 20.12
CA LYS A 400 -17.35 10.49 21.12
C LYS A 400 -17.02 9.01 21.18
N HIS A 401 -18.02 8.13 21.18
CA HIS A 401 -17.70 6.70 21.21
C HIS A 401 -16.92 6.24 19.98
N LEU A 402 -17.32 6.67 18.79
CA LEU A 402 -16.61 6.26 17.58
C LEU A 402 -15.18 6.76 17.61
N LEU A 403 -14.93 8.02 18.01
CA LEU A 403 -13.55 8.48 18.11
C LEU A 403 -12.74 7.67 19.11
N ASN A 404 -13.37 7.26 20.22
CA ASN A 404 -12.62 6.38 21.14
C ASN A 404 -12.31 5.03 20.50
N VAL A 405 -13.24 4.44 19.76
CA VAL A 405 -12.98 3.20 19.05
C VAL A 405 -11.81 3.37 18.09
N ILE A 406 -11.78 4.49 17.36
CA ILE A 406 -10.71 4.71 16.38
C ILE A 406 -9.38 4.84 17.10
N ASN A 407 -9.37 5.62 18.19
CA ASN A 407 -8.10 5.86 18.88
C ASN A 407 -7.57 4.57 19.48
N GLU A 408 -8.46 3.72 20.02
CA GLU A 408 -8.02 2.47 20.62
C GLU A 408 -7.54 1.44 19.59
N ASN A 409 -8.16 1.37 18.42
CA ASN A 409 -7.93 0.25 17.52
C ASN A 409 -7.01 0.63 16.37
N PHE A 410 -7.05 1.87 15.93
CA PHE A 410 -6.25 2.27 14.78
C PHE A 410 -5.25 3.36 15.07
N GLY A 411 -5.48 4.23 16.04
CA GLY A 411 -4.62 5.41 16.23
C GLY A 411 -4.58 6.24 14.95
N THR A 412 -3.36 6.45 14.44
CA THR A 412 -3.21 7.20 13.18
C THR A 412 -3.12 6.31 11.95
N LEU A 413 -3.33 5.00 12.10
CA LEU A 413 -3.34 4.10 10.93
C LEU A 413 -4.68 4.15 10.21
N ALA A 414 -4.69 3.90 8.92
CA ALA A 414 -5.95 3.98 8.16
C ALA A 414 -6.82 2.79 8.53
N PHE A 415 -8.12 2.99 8.35
CA PHE A 415 -9.10 1.94 8.58
C PHE A 415 -10.19 2.04 7.52
N CYS A 416 -11.09 1.05 7.55
CA CYS A 416 -12.24 1.11 6.65
C CYS A 416 -13.54 0.79 7.38
N ARG A 417 -14.65 0.97 6.67
CA ARG A 417 -15.95 0.70 7.31
C ARG A 417 -16.10 -0.75 7.68
N ARG A 418 -15.58 -1.71 6.89
CA ARG A 418 -15.67 -3.11 7.32
C ARG A 418 -14.97 -3.37 8.63
N TRP A 419 -13.87 -2.67 8.91
CA TRP A 419 -13.14 -2.84 10.16
C TRP A 419 -13.90 -2.27 11.37
N LEU A 420 -14.79 -1.29 11.15
CA LEU A 420 -15.64 -0.88 12.26
C LEU A 420 -16.75 -1.90 12.48
N ASP A 421 -17.30 -2.45 11.40
CA ASP A 421 -18.34 -3.47 11.51
C ASP A 421 -17.84 -4.66 12.30
N ARG A 422 -16.60 -5.10 12.07
CA ARG A 422 -16.08 -6.28 12.73
C ARG A 422 -15.84 -6.06 14.22
N LEU A 423 -15.69 -4.81 14.66
CA LEU A 423 -15.63 -4.51 16.09
C LEU A 423 -16.99 -4.39 16.73
N GLY A 424 -18.06 -4.64 16.01
CA GLY A 424 -19.41 -4.61 16.58
C GLY A 424 -20.03 -3.24 16.53
N GLU A 425 -19.43 -2.27 15.83
CA GLU A 425 -20.05 -0.97 15.72
C GLU A 425 -21.17 -0.97 14.70
N SER A 426 -22.23 -0.24 15.00
CA SER A 426 -23.31 0.00 14.05
C SER A 426 -23.84 1.41 14.27
N LYS A 427 -24.57 1.94 13.29
CA LYS A 427 -25.11 3.30 13.45
C LYS A 427 -23.95 4.26 13.69
N TYR A 428 -22.91 4.10 12.85
CA TYR A 428 -21.73 4.94 13.05
C TYR A 428 -21.54 5.92 11.90
N LEU A 429 -22.35 5.87 10.84
CA LEU A 429 -21.98 6.61 9.64
C LEU A 429 -22.13 8.10 9.88
N MET A 430 -23.18 8.51 10.64
CA MET A 430 -23.26 9.93 10.96
C MET A 430 -22.13 10.36 11.90
N ALA A 431 -21.77 9.52 12.89
CA ALA A 431 -20.61 9.88 13.72
C ALA A 431 -19.34 10.00 12.91
N LEU A 432 -19.15 9.13 11.92
CA LEU A 432 -17.99 9.16 11.06
C LEU A 432 -17.99 10.39 10.17
N LYS A 433 -19.17 10.77 9.67
CA LYS A 433 -19.28 12.02 8.91
C LYS A 433 -18.93 13.22 9.77
N ASN A 434 -19.41 13.22 11.03
CA ASN A 434 -19.09 14.27 11.96
C ASN A 434 -17.58 14.42 12.22
N LEU A 435 -16.88 13.29 12.39
CA LEU A 435 -15.44 13.37 12.58
C LEU A 435 -14.72 13.85 11.32
N CYS A 436 -15.24 13.53 10.14
CA CYS A 436 -14.66 14.06 8.91
C CYS A 436 -14.93 15.56 8.77
N ASP A 437 -16.15 16.00 9.09
CA ASP A 437 -16.50 17.41 9.00
C ASP A 437 -15.74 18.24 10.02
N LEU A 438 -15.41 17.69 11.19
CA LEU A 438 -14.55 18.34 12.17
C LEU A 438 -13.09 18.37 11.77
N GLY A 439 -12.68 17.63 10.75
CA GLY A 439 -11.30 17.49 10.35
C GLY A 439 -10.46 16.57 11.22
N ILE A 440 -11.10 15.79 12.10
CA ILE A 440 -10.38 14.86 12.96
C ILE A 440 -10.00 13.63 12.12
N VAL A 441 -10.91 13.21 11.25
CA VAL A 441 -10.69 12.09 10.35
C VAL A 441 -10.78 12.61 8.93
N ASP A 442 -9.96 12.06 8.03
CA ASP A 442 -10.06 12.39 6.61
C ASP A 442 -10.55 11.16 5.84
N PRO A 443 -11.48 11.37 4.94
CA PRO A 443 -11.91 10.33 4.00
C PRO A 443 -10.95 10.27 2.82
N TYR A 444 -10.76 9.06 2.32
CA TYR A 444 -9.90 8.80 1.14
C TYR A 444 -10.69 7.97 0.15
N PRO A 445 -11.50 8.62 -0.69
CA PRO A 445 -12.36 7.89 -1.62
C PRO A 445 -11.58 7.22 -2.72
N PRO A 446 -12.18 6.25 -3.41
CA PRO A 446 -11.55 5.62 -4.55
C PRO A 446 -11.12 6.63 -5.60
N LEU A 447 -9.95 6.38 -6.18
CA LEU A 447 -9.37 7.28 -7.17
C LEU A 447 -9.34 6.60 -8.54
N CYS A 448 -10.11 7.15 -9.49
CA CYS A 448 -10.36 6.43 -10.74
C CYS A 448 -10.07 7.29 -11.96
N ASP A 449 -9.58 6.67 -13.03
CA ASP A 449 -9.45 7.35 -14.34
C ASP A 449 -10.79 7.21 -15.06
N ILE A 450 -10.86 7.63 -16.33
CA ILE A 450 -12.14 7.67 -17.01
C ILE A 450 -12.74 6.28 -17.25
N LYS A 451 -14.06 6.26 -17.39
CA LYS A 451 -14.73 4.96 -17.64
C LYS A 451 -14.18 4.34 -18.90
N GLY A 452 -13.90 3.02 -18.83
CA GLY A 452 -13.36 2.31 -19.98
C GLY A 452 -11.85 2.16 -19.96
N SER A 453 -11.19 2.92 -19.07
CA SER A 453 -9.72 2.85 -19.02
C SER A 453 -9.27 1.71 -18.11
N TYR A 454 -8.00 1.33 -18.31
CA TYR A 454 -7.35 0.27 -17.54
C TYR A 454 -6.15 0.82 -16.77
N THR A 455 -6.06 0.49 -15.49
CA THR A 455 -4.93 1.00 -14.68
C THR A 455 -4.22 -0.15 -13.98
N ALA A 456 -2.90 -0.03 -13.82
CA ALA A 456 -2.11 -1.05 -13.14
C ALA A 456 -1.14 -0.38 -12.16
N GLN A 457 -0.71 -1.11 -11.13
CA GLN A 457 0.13 -0.58 -10.06
C GLN A 457 1.11 -1.64 -9.56
N PHE A 458 2.37 -1.28 -9.33
CA PHE A 458 3.30 -2.08 -8.55
C PHE A 458 4.00 -1.16 -7.55
N GLU A 459 4.36 -1.71 -6.39
CA GLU A 459 4.92 -0.85 -5.34
C GLU A 459 5.80 -1.70 -4.43
N HIS A 460 6.87 -1.10 -3.95
CA HIS A 460 7.68 -1.69 -2.88
C HIS A 460 8.00 -0.63 -1.82
N THR A 461 8.30 -1.10 -0.63
CA THR A 461 8.84 -0.22 0.42
C THR A 461 10.37 -0.35 0.45
N ILE A 462 11.04 0.81 0.48
CA ILE A 462 12.51 0.78 0.49
C ILE A 462 13.00 1.52 1.75
N LEU A 463 14.08 0.98 2.31
CA LEU A 463 14.72 1.64 3.45
C LEU A 463 16.03 2.30 2.99
N LEU A 464 16.17 3.58 3.29
CA LEU A 464 17.45 4.25 2.95
C LEU A 464 18.39 4.13 4.16
N ARG A 465 18.99 2.95 4.25
CA ARG A 465 19.89 2.68 5.40
C ARG A 465 21.20 3.40 5.13
N PRO A 466 21.96 3.66 6.18
CA PRO A 466 23.27 4.29 6.03
C PRO A 466 24.21 3.49 5.15
N THR A 467 24.21 2.16 5.16
CA THR A 467 25.19 1.38 4.40
C THR A 467 24.72 0.97 3.02
N CYS A 468 23.42 1.12 2.72
CA CYS A 468 22.89 0.53 1.50
C CYS A 468 21.37 0.81 1.42
N LYS A 469 20.84 0.62 0.22
CA LYS A 469 19.39 0.76 0.02
C LYS A 469 18.82 -0.65 0.12
N GLU A 470 17.76 -0.83 0.91
CA GLU A 470 17.16 -2.14 1.09
C GLU A 470 15.73 -2.13 0.54
N VAL A 471 15.52 -2.91 -0.49
CA VAL A 471 14.14 -3.12 -1.01
C VAL A 471 13.53 -4.20 -0.15
N VAL A 472 12.96 -3.76 0.98
CA VAL A 472 12.68 -4.67 2.09
C VAL A 472 11.54 -5.61 1.75
N SER A 473 10.62 -5.13 0.88
CA SER A 473 9.47 -5.93 0.51
C SER A 473 9.69 -6.72 -0.77
N ARG A 474 10.88 -6.71 -1.33
CA ARG A 474 11.19 -7.49 -2.53
C ARG A 474 10.96 -8.99 -2.25
N GLY A 475 10.39 -9.68 -3.23
CA GLY A 475 10.25 -11.13 -3.14
C GLY A 475 10.83 -11.84 -4.37
N ASP A 476 10.53 -13.13 -4.43
CA ASP A 476 10.87 -13.88 -5.66
C ASP A 476 9.78 -13.74 -6.70
N ASP A 477 8.68 -13.08 -6.36
CA ASP A 477 7.54 -12.84 -7.24
C ASP A 477 7.66 -11.52 -7.99
N TYR A 478 7.95 -10.43 -7.30
CA TYR A 478 8.16 -9.12 -7.88
C TYR A 478 8.98 -8.25 -6.93
CO CO B . 1.59 3.58 -0.99
CO CO C . 0.10 0.93 -1.17
C1 TN4 D . -2.39 5.92 -1.42
C2 TN4 D . -2.11 7.38 -1.00
C3 TN4 D . -0.89 7.91 -1.78
C4 TN4 D . -1.18 7.83 -3.30
CL4 TN4 D . -5.46 13.25 -5.31
C5 TN4 D . -1.52 6.39 -3.75
C6 TN4 D . -2.67 5.82 -2.92
C11 TN4 D . -3.57 5.29 -0.66
O11 TN4 D . -1.30 5.15 -1.14
C21 TN4 D . -1.89 7.53 0.49
C22 TN4 D . -3.13 7.95 1.31
C23 TN4 D . -3.17 7.53 2.76
C24 TN4 D . -3.38 6.05 2.94
C25 TN4 D . -4.47 5.29 3.09
C2A TN4 D . -0.58 7.14 1.16
O2A TN4 D . -2.19 8.88 0.95
C2B TN4 D . -4.46 3.78 2.97
C2C TN4 D . -5.86 5.90 3.06
C31 TN4 D . 0.68 9.67 -1.79
O31 TN4 D . -0.64 9.26 -1.42
C41 TN4 D . -2.10 9.93 -4.04
O41 TN4 D . -2.31 8.71 -3.58
N42 TN4 D . -3.18 10.70 -3.88
C43 TN4 D . -3.30 12.00 -4.25
C44 TN4 D . -4.67 12.55 -3.87
O4A TN4 D . -1.05 10.22 -4.58
O4B TN4 D . -2.47 12.70 -4.81
#